data_1U3S
#
_entry.id   1U3S
#
_cell.length_a   52.264
_cell.length_b   88.204
_cell.length_c   99.611
_cell.angle_alpha   90.00
_cell.angle_beta   90.00
_cell.angle_gamma   90.00
#
_symmetry.space_group_name_H-M   'P 21 21 21'
#
loop_
_entity.id
_entity.type
_entity.pdbx_description
1 polymer 'Estrogen receptor beta'
2 polymer 'steroid receptor coactivator-1'
3 non-polymer 3-(6-HYDROXY-NAPHTHALEN-2-YL)-BENZO[D]ISOOXAZOL-6-OL
4 water water
#
loop_
_entity_poly.entity_id
_entity_poly.type
_entity_poly.pdbx_seq_one_letter_code
_entity_poly.pdbx_strand_id
1 'polypeptide(L)'
;DALSPEQLVLTLLEAEPPHVLISRPSAPFTEASMMMSLTKLADKELVHMISWAKKIPGFVELSLFDQVRLLESCWMEVLM
MGLMWRSIDHPGKLIFAPDLVLDRDEGKCVEGILEIFDMLLATTSRFRELKLQHKEYLCVKAMILLNSSMYPLVTATQDA
DSSRKLAHLLNAVTDALVWVIAKSGISSQQQSMRLANLLMLLSHVRHASNKGMEHLLNMKCKNVVPVYDLLLEMLNAHVL
;
A,B
2 'polypeptide(L)' SGSHKLVQLLTTT C,D
#
# COMPACT_ATOMS: atom_id res chain seq x y z
N LEU A 3 8.31 -1.34 29.03
CA LEU A 3 8.28 -0.11 28.19
C LEU A 3 6.85 0.12 27.72
N SER A 4 6.15 1.03 28.38
CA SER A 4 4.77 1.31 28.03
C SER A 4 4.63 2.05 26.69
N PRO A 5 3.43 2.02 26.09
CA PRO A 5 3.17 2.68 24.82
C PRO A 5 3.62 4.14 24.87
N GLU A 6 3.36 4.78 26.00
CA GLU A 6 3.75 6.18 26.18
C GLU A 6 5.26 6.37 26.08
N GLN A 7 6.01 5.49 26.73
CA GLN A 7 7.45 5.61 26.71
C GLN A 7 8.05 5.26 25.35
N LEU A 8 7.37 4.40 24.60
CA LEU A 8 7.84 4.03 23.27
C LEU A 8 7.61 5.22 22.35
N VAL A 9 6.46 5.89 22.48
CA VAL A 9 6.19 7.04 21.64
C VAL A 9 7.23 8.14 21.97
N LEU A 10 7.58 8.27 23.24
CA LEU A 10 8.56 9.28 23.62
C LEU A 10 9.89 9.01 22.92
N THR A 11 10.30 7.75 22.84
CA THR A 11 11.55 7.43 22.18
C THR A 11 11.53 7.67 20.66
N LEU A 12 10.34 7.67 20.08
CA LEU A 12 10.22 7.94 18.65
C LEU A 12 10.36 9.45 18.49
N LEU A 13 9.77 10.20 19.43
CA LEU A 13 9.86 11.65 19.39
C LEU A 13 11.32 12.04 19.47
N GLU A 14 12.08 11.33 20.29
CA GLU A 14 13.50 11.61 20.47
C GLU A 14 14.30 11.08 19.30
N ALA A 15 13.68 10.25 18.49
CA ALA A 15 14.35 9.70 17.32
C ALA A 15 14.10 10.61 16.10
N GLU A 16 13.13 11.52 16.20
CA GLU A 16 12.82 12.43 15.09
C GLU A 16 14.10 13.04 14.55
N PRO A 17 14.29 13.01 13.23
CA PRO A 17 15.50 13.59 12.64
C PRO A 17 15.43 15.11 12.65
N PRO A 18 16.57 15.78 12.41
CA PRO A 18 16.61 17.25 12.40
C PRO A 18 16.00 17.82 11.12
N HIS A 19 15.60 19.08 11.18
CA HIS A 19 15.01 19.74 10.02
C HIS A 19 16.11 20.01 9.00
N VAL A 20 15.80 19.74 7.74
CA VAL A 20 16.77 19.92 6.67
C VAL A 20 16.40 21.04 5.71
N LEU A 21 17.42 21.70 5.20
CA LEU A 21 17.25 22.78 4.25
C LEU A 21 18.25 22.50 3.15
N ILE A 22 17.96 22.92 1.92
CA ILE A 22 18.86 22.67 0.80
C ILE A 22 19.78 23.85 0.53
N SER A 23 19.65 24.91 1.33
CA SER A 23 20.46 26.12 1.17
C SER A 23 20.33 26.75 -0.21
N ARG A 24 19.10 26.86 -0.70
CA ARG A 24 18.86 27.45 -2.00
C ARG A 24 18.25 28.84 -1.86
N PRO A 25 19.03 29.89 -2.22
CA PRO A 25 18.52 31.25 -2.12
C PRO A 25 17.17 31.32 -2.81
N SER A 26 16.14 31.74 -2.08
CA SER A 26 14.79 31.83 -2.62
C SER A 26 14.83 32.38 -4.05
N ALA A 27 14.22 31.65 -4.98
CA ALA A 27 14.18 32.05 -6.39
C ALA A 27 13.27 31.11 -7.18
N PRO A 28 12.77 31.55 -8.34
CA PRO A 28 11.88 30.74 -9.18
C PRO A 28 12.51 29.39 -9.54
N PHE A 29 11.67 28.37 -9.62
CA PHE A 29 12.11 27.02 -9.95
C PHE A 29 11.98 26.66 -11.42
N THR A 30 13.07 26.12 -11.98
CA THR A 30 13.08 25.69 -13.37
C THR A 30 13.10 24.17 -13.31
N GLU A 31 13.09 23.51 -14.47
CA GLU A 31 13.11 22.04 -14.50
C GLU A 31 14.39 21.42 -13.95
N ALA A 32 15.53 22.03 -14.26
CA ALA A 32 16.82 21.52 -13.78
C ALA A 32 16.97 21.75 -12.28
N SER A 33 16.71 22.98 -11.85
CA SER A 33 16.84 23.30 -10.42
C SER A 33 15.81 22.57 -9.55
N MET A 34 14.63 22.30 -10.08
CA MET A 34 13.63 21.60 -9.27
C MET A 34 14.03 20.16 -8.94
N MET A 35 14.39 19.38 -9.95
CA MET A 35 14.79 17.98 -9.72
C MET A 35 16.10 17.94 -8.96
N MET A 36 16.96 18.92 -9.24
CA MET A 36 18.25 19.03 -8.57
C MET A 36 17.99 19.20 -7.09
N SER A 37 17.02 20.06 -6.74
CA SER A 37 16.66 20.34 -5.35
C SER A 37 16.01 19.15 -4.67
N LEU A 38 15.11 18.48 -5.36
CA LEU A 38 14.44 17.32 -4.77
C LEU A 38 15.42 16.18 -4.47
N THR A 39 16.30 15.85 -5.42
CA THR A 39 17.25 14.75 -5.22
C THR A 39 18.32 15.10 -4.19
N LYS A 40 18.74 16.36 -4.16
CA LYS A 40 19.75 16.81 -3.21
C LYS A 40 19.22 16.72 -1.77
N LEU A 41 17.93 17.03 -1.60
CA LEU A 41 17.27 17.01 -0.30
C LEU A 41 16.98 15.57 0.14
N ALA A 42 16.50 14.75 -0.79
CA ALA A 42 16.19 13.36 -0.49
C ALA A 42 17.47 12.73 0.02
N ASP A 43 18.59 13.07 -0.62
CA ASP A 43 19.87 12.52 -0.24
C ASP A 43 20.29 12.93 1.16
N LYS A 44 20.10 14.19 1.51
CA LYS A 44 20.47 14.63 2.85
C LYS A 44 19.59 13.90 3.86
N GLU A 45 18.29 13.90 3.62
CA GLU A 45 17.34 13.25 4.52
C GLU A 45 17.57 11.76 4.70
N LEU A 46 18.05 11.08 3.66
CA LEU A 46 18.32 9.65 3.76
C LEU A 46 19.33 9.38 4.88
N VAL A 47 20.35 10.22 4.98
CA VAL A 47 21.36 10.09 6.01
C VAL A 47 20.70 10.11 7.41
N HIS A 48 19.86 11.11 7.64
CA HIS A 48 19.16 11.27 8.92
C HIS A 48 18.15 10.17 9.15
N MET A 49 17.67 9.55 8.07
CA MET A 49 16.69 8.48 8.19
C MET A 49 17.33 7.26 8.84
N ILE A 50 18.57 6.98 8.43
CA ILE A 50 19.28 5.83 8.97
C ILE A 50 19.47 6.03 10.48
N SER A 51 19.93 7.21 10.88
CA SER A 51 20.11 7.50 12.31
C SER A 51 18.77 7.40 13.03
N TRP A 52 17.72 7.93 12.41
CA TRP A 52 16.38 7.87 12.99
C TRP A 52 15.97 6.42 13.28
N ALA A 53 16.17 5.54 12.28
CA ALA A 53 15.80 4.12 12.40
C ALA A 53 16.55 3.38 13.49
N LYS A 54 17.81 3.72 13.70
CA LYS A 54 18.65 3.06 14.71
C LYS A 54 18.28 3.49 16.12
N LYS A 55 17.45 4.53 16.22
CA LYS A 55 17.01 5.02 17.51
C LYS A 55 15.68 4.39 17.88
N ILE A 56 15.11 3.61 16.96
CA ILE A 56 13.86 2.95 17.28
C ILE A 56 14.25 1.70 18.05
N PRO A 57 13.84 1.63 19.33
CA PRO A 57 14.18 0.49 20.17
C PRO A 57 14.08 -0.84 19.45
N GLY A 58 15.17 -1.62 19.52
CA GLY A 58 15.19 -2.93 18.89
C GLY A 58 15.59 -3.00 17.43
N PHE A 59 15.62 -1.88 16.73
CA PHE A 59 15.98 -1.92 15.31
C PHE A 59 17.40 -2.46 15.07
N VAL A 60 18.35 -1.98 15.88
CA VAL A 60 19.73 -2.40 15.76
C VAL A 60 19.92 -3.87 16.16
N GLU A 61 18.94 -4.44 16.84
CA GLU A 61 19.00 -5.84 17.25
C GLU A 61 18.51 -6.78 16.16
N LEU A 62 18.13 -6.22 15.01
CA LEU A 62 17.68 -7.03 13.88
C LEU A 62 18.96 -7.42 13.13
N SER A 63 18.90 -8.46 12.30
CA SER A 63 20.08 -8.85 11.54
C SER A 63 20.37 -7.69 10.60
N LEU A 64 21.58 -7.61 10.06
CA LEU A 64 21.94 -6.53 9.16
C LEU A 64 21.14 -6.64 7.86
N PHE A 65 20.86 -7.89 7.47
CA PHE A 65 20.11 -8.14 6.26
C PHE A 65 18.72 -7.52 6.36
N ASP A 66 18.10 -7.66 7.52
CA ASP A 66 16.77 -7.10 7.71
C ASP A 66 16.77 -5.58 7.73
N GLN A 67 17.65 -5.02 8.55
CA GLN A 67 17.77 -3.57 8.67
C GLN A 67 17.95 -2.95 7.29
N VAL A 68 18.82 -3.56 6.49
CA VAL A 68 19.10 -3.08 5.14
C VAL A 68 17.87 -3.22 4.26
N ARG A 69 17.30 -4.42 4.25
CA ARG A 69 16.12 -4.69 3.43
C ARG A 69 14.90 -3.84 3.80
N LEU A 70 14.72 -3.56 5.09
CA LEU A 70 13.58 -2.74 5.51
C LEU A 70 13.69 -1.31 5.04
N LEU A 71 14.90 -0.76 5.10
CA LEU A 71 15.12 0.63 4.69
C LEU A 71 15.12 0.78 3.17
N GLU A 72 15.66 -0.21 2.45
CA GLU A 72 15.70 -0.14 1.00
C GLU A 72 14.27 -0.19 0.46
N SER A 73 13.41 -0.83 1.22
CA SER A 73 12.03 -1.00 0.83
C SER A 73 11.13 0.21 1.11
N CYS A 74 11.35 0.86 2.25
CA CYS A 74 10.49 1.96 2.67
C CYS A 74 11.03 3.37 2.58
N TRP A 75 12.31 3.56 2.31
CA TRP A 75 12.87 4.90 2.30
C TRP A 75 12.03 5.96 1.60
N MET A 76 11.46 5.65 0.45
CA MET A 76 10.67 6.64 -0.25
C MET A 76 9.35 6.97 0.46
N GLU A 77 8.76 5.98 1.12
CA GLU A 77 7.49 6.18 1.83
C GLU A 77 7.69 7.02 3.06
N VAL A 78 8.80 6.79 3.76
CA VAL A 78 9.08 7.56 4.96
C VAL A 78 9.37 9.02 4.57
N LEU A 79 10.01 9.24 3.43
CA LEU A 79 10.27 10.61 2.99
C LEU A 79 8.93 11.28 2.72
N MET A 80 8.05 10.60 1.98
CA MET A 80 6.75 11.18 1.67
C MET A 80 5.88 11.39 2.91
N MET A 81 5.96 10.47 3.86
CA MET A 81 5.17 10.60 5.09
C MET A 81 5.67 11.82 5.86
N GLY A 82 6.96 12.09 5.75
CA GLY A 82 7.52 13.24 6.45
C GLY A 82 7.09 14.50 5.71
N LEU A 83 6.94 14.36 4.41
CA LEU A 83 6.51 15.49 3.60
C LEU A 83 5.08 15.87 3.97
N MET A 84 4.21 14.88 4.06
CA MET A 84 2.81 15.13 4.39
C MET A 84 2.62 15.76 5.76
N TRP A 85 3.38 15.32 6.76
CA TRP A 85 3.25 15.91 8.09
C TRP A 85 3.58 17.40 8.05
N ARG A 86 4.68 17.73 7.38
CA ARG A 86 5.13 19.12 7.26
C ARG A 86 4.21 20.01 6.43
N SER A 87 3.41 19.41 5.56
CA SER A 87 2.53 20.21 4.70
C SER A 87 1.11 20.28 5.25
N ILE A 88 0.83 19.45 6.24
CA ILE A 88 -0.49 19.38 6.82
C ILE A 88 -1.14 20.74 7.13
N ASP A 89 -0.34 21.70 7.58
CA ASP A 89 -0.88 23.02 7.90
C ASP A 89 -0.79 24.03 6.77
N HIS A 90 -0.65 23.57 5.55
CA HIS A 90 -0.54 24.50 4.43
C HIS A 90 -1.26 23.97 3.21
N PRO A 91 -2.61 24.01 3.23
CA PRO A 91 -3.34 23.50 2.07
C PRO A 91 -2.80 24.04 0.75
N GLY A 92 -2.73 23.16 -0.25
CA GLY A 92 -2.24 23.55 -1.55
C GLY A 92 -0.75 23.44 -1.76
N LYS A 93 0.05 23.42 -0.69
CA LYS A 93 1.51 23.34 -0.82
C LYS A 93 2.16 22.07 -0.29
N LEU A 94 3.35 21.78 -0.80
CA LEU A 94 4.12 20.62 -0.36
C LEU A 94 5.42 21.17 0.24
N ILE A 95 5.49 21.20 1.56
CA ILE A 95 6.66 21.72 2.23
C ILE A 95 7.80 20.71 2.30
N PHE A 96 8.51 20.54 1.19
CA PHE A 96 9.62 19.60 1.18
C PHE A 96 10.65 20.10 2.18
N ALA A 97 10.88 21.40 2.18
CA ALA A 97 11.81 22.03 3.10
C ALA A 97 11.45 23.50 3.16
N PRO A 98 11.85 24.18 4.24
CA PRO A 98 11.53 25.60 4.36
C PRO A 98 11.95 26.41 3.13
N ASP A 99 13.10 26.06 2.56
CA ASP A 99 13.61 26.75 1.38
C ASP A 99 13.35 25.99 0.07
N LEU A 100 12.34 25.11 0.10
CA LEU A 100 11.94 24.32 -1.06
C LEU A 100 10.42 24.01 -0.97
N VAL A 101 9.61 24.99 -1.32
CA VAL A 101 8.15 24.87 -1.28
C VAL A 101 7.58 24.90 -2.69
N LEU A 102 6.76 23.91 -3.02
CA LEU A 102 6.19 23.81 -4.36
C LEU A 102 4.66 23.75 -4.49
N ASP A 103 4.14 24.35 -5.57
CA ASP A 103 2.71 24.35 -5.86
C ASP A 103 2.48 23.23 -6.86
N ARG A 104 1.25 23.09 -7.30
CA ARG A 104 0.91 22.07 -8.27
C ARG A 104 1.32 22.59 -9.64
N ASP A 105 1.31 23.90 -9.79
CA ASP A 105 1.67 24.53 -11.05
C ASP A 105 3.16 24.46 -11.32
N GLU A 106 3.95 24.36 -10.26
CA GLU A 106 5.39 24.28 -10.40
C GLU A 106 5.78 22.87 -10.79
N GLY A 107 4.95 21.91 -10.41
CA GLY A 107 5.22 20.51 -10.73
C GLY A 107 4.85 20.21 -12.16
N LYS A 108 4.29 21.20 -12.85
CA LYS A 108 3.89 21.04 -14.24
C LYS A 108 5.08 21.10 -15.19
N CYS A 109 6.03 21.99 -14.91
CA CYS A 109 7.19 22.12 -15.78
C CYS A 109 7.86 20.77 -16.03
N VAL A 110 7.83 19.88 -15.04
CA VAL A 110 8.43 18.55 -15.19
C VAL A 110 7.36 17.50 -15.45
N GLU A 111 7.50 16.80 -16.58
CA GLU A 111 6.58 15.76 -17.00
C GLU A 111 6.53 14.56 -16.05
N GLY A 112 5.32 14.09 -15.74
CA GLY A 112 5.15 12.95 -14.86
C GLY A 112 5.13 13.28 -13.37
N ILE A 113 5.56 14.49 -13.03
CA ILE A 113 5.61 14.96 -11.65
C ILE A 113 4.27 15.46 -11.11
N LEU A 114 3.51 16.15 -11.95
CA LEU A 114 2.22 16.68 -11.53
C LEU A 114 1.33 15.55 -10.99
N GLU A 115 1.47 14.36 -11.55
CA GLU A 115 0.70 13.22 -11.11
C GLU A 115 1.07 12.86 -9.68
N ILE A 116 2.37 12.74 -9.42
CA ILE A 116 2.88 12.40 -8.11
C ILE A 116 2.54 13.45 -7.06
N PHE A 117 2.69 14.72 -7.41
CA PHE A 117 2.36 15.80 -6.48
C PHE A 117 0.89 15.69 -6.10
N ASP A 118 0.03 15.44 -7.09
CA ASP A 118 -1.40 15.30 -6.82
C ASP A 118 -1.69 14.17 -5.85
N MET A 119 -0.96 13.06 -5.97
CA MET A 119 -1.17 11.95 -5.04
C MET A 119 -0.74 12.40 -3.65
N LEU A 120 0.38 13.11 -3.58
CA LEU A 120 0.90 13.58 -2.30
C LEU A 120 -0.02 14.65 -1.70
N LEU A 121 -0.56 15.54 -2.54
CA LEU A 121 -1.45 16.59 -2.04
C LEU A 121 -2.78 16.03 -1.56
N ALA A 122 -3.31 15.05 -2.26
CA ALA A 122 -4.57 14.42 -1.89
C ALA A 122 -4.45 13.69 -0.55
N THR A 123 -3.37 12.93 -0.37
CA THR A 123 -3.17 12.19 0.87
C THR A 123 -2.84 13.15 2.02
N THR A 124 -2.12 14.23 1.73
CA THR A 124 -1.81 15.21 2.77
C THR A 124 -3.13 15.83 3.18
N SER A 125 -3.97 16.07 2.18
CA SER A 125 -5.29 16.64 2.40
C SER A 125 -6.13 15.70 3.24
N ARG A 126 -5.97 14.40 3.02
CA ARG A 126 -6.72 13.42 3.77
C ARG A 126 -6.33 13.41 5.24
N PHE A 127 -5.03 13.47 5.52
CA PHE A 127 -4.54 13.49 6.89
C PHE A 127 -4.98 14.79 7.56
N ARG A 128 -5.09 15.84 6.76
CA ARG A 128 -5.50 17.15 7.27
C ARG A 128 -6.94 17.17 7.76
N GLU A 129 -7.84 16.41 7.12
CA GLU A 129 -9.22 16.43 7.59
C GLU A 129 -9.43 15.50 8.78
N LEU A 130 -8.49 14.58 9.00
CA LEU A 130 -8.55 13.66 10.14
C LEU A 130 -7.84 14.33 11.32
N LYS A 131 -7.17 15.43 11.02
CA LYS A 131 -6.41 16.17 12.02
C LYS A 131 -5.32 15.29 12.63
N LEU A 132 -4.51 14.72 11.76
CA LEU A 132 -3.39 13.87 12.17
C LEU A 132 -2.63 14.57 13.30
N GLN A 133 -2.48 13.87 14.42
CA GLN A 133 -1.77 14.40 15.58
C GLN A 133 -0.31 14.02 15.47
N HIS A 134 0.58 14.87 16.00
CA HIS A 134 2.01 14.63 15.94
C HIS A 134 2.40 13.23 16.43
N LYS A 135 1.88 12.84 17.59
CA LYS A 135 2.20 11.52 18.13
C LYS A 135 1.73 10.41 17.20
N GLU A 136 0.62 10.64 16.50
CA GLU A 136 0.12 9.64 15.56
C GLU A 136 1.09 9.56 14.39
N TYR A 137 1.57 10.73 13.97
CA TYR A 137 2.50 10.81 12.88
C TYR A 137 3.73 9.95 13.19
N LEU A 138 4.20 10.03 14.43
CA LEU A 138 5.37 9.28 14.87
C LEU A 138 5.22 7.76 14.75
N CYS A 139 4.09 7.24 15.24
CA CYS A 139 3.84 5.82 15.18
C CYS A 139 3.68 5.36 13.74
N VAL A 140 2.84 6.08 13.00
CA VAL A 140 2.61 5.75 11.60
C VAL A 140 3.91 5.70 10.82
N LYS A 141 4.75 6.73 10.97
CA LYS A 141 6.01 6.73 10.22
C LYS A 141 6.87 5.54 10.61
N ALA A 142 6.82 5.15 11.88
CA ALA A 142 7.60 4.01 12.36
C ALA A 142 7.04 2.73 11.78
N MET A 143 5.71 2.61 11.78
CA MET A 143 5.04 1.44 11.24
C MET A 143 5.39 1.24 9.76
N ILE A 144 5.59 2.34 9.03
CA ILE A 144 5.91 2.23 7.62
C ILE A 144 7.26 1.49 7.47
N LEU A 145 8.21 1.84 8.32
CA LEU A 145 9.52 1.20 8.29
C LEU A 145 9.44 -0.28 8.64
N LEU A 146 8.78 -0.58 9.76
CA LEU A 146 8.67 -1.95 10.24
C LEU A 146 7.75 -2.87 9.45
N ASN A 147 6.84 -2.30 8.66
CA ASN A 147 5.88 -3.08 7.88
C ASN A 147 6.10 -2.99 6.37
N SER A 148 7.17 -2.29 5.97
CA SER A 148 7.48 -2.09 4.57
C SER A 148 7.74 -3.39 3.81
N SER A 149 9.00 -3.81 3.78
CA SER A 149 9.37 -5.03 3.08
C SER A 149 8.56 -6.23 3.49
N MET A 150 8.27 -7.07 2.50
CA MET A 150 7.53 -8.30 2.71
C MET A 150 8.57 -9.21 3.36
N TYR A 151 8.23 -9.82 4.49
CA TYR A 151 9.15 -10.70 5.22
C TYR A 151 10.62 -10.38 4.95
N ALA A 160 14.99 -16.97 11.80
CA ALA A 160 13.75 -16.89 12.55
C ALA A 160 13.90 -15.98 13.76
N ASP A 161 15.12 -15.93 14.30
CA ASP A 161 15.40 -15.11 15.47
C ASP A 161 15.15 -13.62 15.21
N SER A 162 15.61 -13.14 14.06
CA SER A 162 15.45 -11.74 13.70
C SER A 162 13.99 -11.44 13.33
N SER A 163 13.40 -12.31 12.53
CA SER A 163 12.02 -12.16 12.09
C SER A 163 11.02 -11.97 13.24
N ARG A 164 11.14 -12.80 14.27
CA ARG A 164 10.24 -12.70 15.43
C ARG A 164 10.38 -11.34 16.11
N LYS A 165 11.60 -10.81 16.11
CA LYS A 165 11.88 -9.50 16.72
C LYS A 165 11.17 -8.40 15.95
N LEU A 166 11.09 -8.55 14.63
CA LEU A 166 10.44 -7.56 13.79
C LEU A 166 8.96 -7.48 14.14
N ALA A 167 8.29 -8.63 14.08
CA ALA A 167 6.87 -8.71 14.41
C ALA A 167 6.65 -8.18 15.81
N HIS A 168 7.55 -8.53 16.72
CA HIS A 168 7.46 -8.09 18.10
C HIS A 168 7.58 -6.58 18.14
N LEU A 169 8.51 -6.05 17.34
CA LEU A 169 8.74 -4.60 17.28
C LEU A 169 7.59 -3.88 16.58
N LEU A 170 7.09 -4.47 15.50
CA LEU A 170 5.97 -3.89 14.76
C LEU A 170 4.74 -3.88 15.67
N ASN A 171 4.56 -4.97 16.42
CA ASN A 171 3.44 -5.09 17.33
C ASN A 171 3.50 -3.96 18.35
N ALA A 172 4.69 -3.74 18.90
CA ALA A 172 4.91 -2.71 19.89
C ALA A 172 4.46 -1.33 19.38
N VAL A 173 4.82 -0.98 18.15
CA VAL A 173 4.44 0.31 17.57
C VAL A 173 2.95 0.35 17.28
N THR A 174 2.39 -0.78 16.87
CA THR A 174 0.96 -0.79 16.59
C THR A 174 0.24 -0.45 17.89
N ASP A 175 0.67 -1.13 18.94
CA ASP A 175 0.11 -0.95 20.27
C ASP A 175 0.31 0.49 20.75
N ALA A 176 1.35 1.16 20.25
CA ALA A 176 1.61 2.54 20.65
C ALA A 176 0.60 3.46 19.96
N LEU A 177 0.30 3.17 18.69
CA LEU A 177 -0.67 3.95 17.95
C LEU A 177 -2.08 3.80 18.56
N VAL A 178 -2.43 2.59 18.99
CA VAL A 178 -3.74 2.36 19.60
C VAL A 178 -3.85 3.25 20.84
N TRP A 179 -2.82 3.21 21.67
CA TRP A 179 -2.79 4.00 22.89
C TRP A 179 -3.00 5.50 22.60
N VAL A 180 -2.23 6.04 21.66
CA VAL A 180 -2.36 7.47 21.31
C VAL A 180 -3.81 7.80 20.99
N ILE A 181 -4.44 6.94 20.20
CA ILE A 181 -5.82 7.14 19.82
C ILE A 181 -6.70 7.06 21.06
N ALA A 182 -6.37 6.12 21.95
CA ALA A 182 -7.13 5.94 23.18
C ALA A 182 -7.14 7.21 24.03
N LYS A 183 -6.00 7.91 24.10
CA LYS A 183 -5.86 9.13 24.89
C LYS A 183 -6.64 10.31 24.33
N SER A 184 -7.03 10.25 23.06
CA SER A 184 -7.79 11.36 22.49
C SER A 184 -9.12 11.43 23.21
N GLY A 185 -9.41 10.39 23.99
CA GLY A 185 -10.64 10.32 24.76
C GLY A 185 -11.94 10.12 23.99
N ILE A 186 -11.87 10.04 22.65
CA ILE A 186 -13.09 9.85 21.88
C ILE A 186 -13.76 8.51 22.13
N SER A 187 -14.89 8.32 21.46
CA SER A 187 -15.70 7.11 21.53
C SER A 187 -14.87 5.89 21.18
N SER A 188 -15.33 4.72 21.62
CA SER A 188 -14.62 3.49 21.31
C SER A 188 -14.84 3.17 19.82
N GLN A 189 -16.04 3.46 19.33
CA GLN A 189 -16.39 3.24 17.93
C GLN A 189 -15.55 4.21 17.12
N GLN A 190 -15.50 5.46 17.55
CA GLN A 190 -14.73 6.50 16.88
C GLN A 190 -13.22 6.19 16.90
N GLN A 191 -12.78 5.51 17.95
CA GLN A 191 -11.39 5.13 18.12
C GLN A 191 -11.02 4.08 17.07
N SER A 192 -11.90 3.10 16.87
CA SER A 192 -11.68 2.05 15.89
C SER A 192 -11.74 2.61 14.47
N MET A 193 -12.67 3.54 14.25
CA MET A 193 -12.85 4.16 12.95
C MET A 193 -11.63 4.99 12.59
N ARG A 194 -11.04 5.66 13.59
CA ARG A 194 -9.87 6.48 13.36
C ARG A 194 -8.62 5.63 13.05
N LEU A 195 -8.47 4.51 13.75
CA LEU A 195 -7.34 3.61 13.53
C LEU A 195 -7.39 3.08 12.09
N ALA A 196 -8.57 2.67 11.65
CA ALA A 196 -8.74 2.15 10.29
C ALA A 196 -8.49 3.25 9.26
N ASN A 197 -9.03 4.44 9.48
CA ASN A 197 -8.82 5.52 8.52
C ASN A 197 -7.34 5.88 8.39
N LEU A 198 -6.60 5.85 9.50
CA LEU A 198 -5.18 6.15 9.45
C LEU A 198 -4.40 5.03 8.76
N LEU A 199 -4.72 3.78 9.10
CA LEU A 199 -4.00 2.66 8.50
C LEU A 199 -4.31 2.48 7.01
N MET A 200 -5.55 2.77 6.61
CA MET A 200 -5.91 2.64 5.20
C MET A 200 -5.07 3.56 4.30
N LEU A 201 -4.62 4.69 4.86
CA LEU A 201 -3.81 5.61 4.09
C LEU A 201 -2.40 5.08 3.80
N LEU A 202 -1.96 4.09 4.55
CA LEU A 202 -0.65 3.51 4.29
C LEU A 202 -0.59 3.01 2.83
N SER A 203 -1.72 2.49 2.33
CA SER A 203 -1.79 2.00 0.94
C SER A 203 -1.52 3.12 -0.05
N HIS A 204 -2.06 4.30 0.24
CA HIS A 204 -1.90 5.43 -0.63
C HIS A 204 -0.46 5.92 -0.63
N VAL A 205 0.16 5.93 0.55
CA VAL A 205 1.56 6.36 0.66
C VAL A 205 2.45 5.41 -0.15
N ARG A 206 2.16 4.11 -0.05
CA ARG A 206 2.92 3.10 -0.76
C ARG A 206 2.73 3.28 -2.28
N HIS A 207 1.53 3.68 -2.68
CA HIS A 207 1.23 3.86 -4.10
C HIS A 207 2.00 5.04 -4.70
N ALA A 208 2.03 6.16 -3.99
CA ALA A 208 2.77 7.33 -4.47
C ALA A 208 4.25 6.99 -4.50
N SER A 209 4.69 6.20 -3.51
CA SER A 209 6.08 5.78 -3.41
C SER A 209 6.51 5.04 -4.67
N ASN A 210 5.74 4.02 -5.06
CA ASN A 210 6.05 3.26 -6.24
C ASN A 210 6.10 4.16 -7.48
N LYS A 211 5.22 5.15 -7.53
CA LYS A 211 5.20 6.07 -8.67
C LYS A 211 6.38 7.04 -8.67
N GLY A 212 6.79 7.48 -7.49
CA GLY A 212 7.90 8.41 -7.39
C GLY A 212 9.25 7.78 -7.71
N MET A 213 9.43 6.51 -7.34
CA MET A 213 10.69 5.85 -7.61
C MET A 213 10.75 5.50 -9.08
N GLU A 214 9.61 5.15 -9.64
CA GLU A 214 9.51 4.83 -11.05
C GLU A 214 9.99 6.07 -11.80
N HIS A 215 9.43 7.22 -11.43
CA HIS A 215 9.78 8.47 -12.10
C HIS A 215 11.24 8.85 -11.84
N LEU A 216 11.69 8.67 -10.61
CA LEU A 216 13.06 8.98 -10.25
C LEU A 216 14.03 8.08 -11.04
N LEU A 217 13.67 6.81 -11.13
CA LEU A 217 14.46 5.83 -11.87
C LEU A 217 14.62 6.21 -13.34
N ASN A 218 13.54 6.69 -13.94
CA ASN A 218 13.62 7.09 -15.33
C ASN A 218 14.57 8.26 -15.44
N MET A 219 14.48 9.17 -14.47
CA MET A 219 15.36 10.35 -14.45
C MET A 219 16.82 9.94 -14.35
N LYS A 220 17.13 9.04 -13.43
CA LYS A 220 18.49 8.56 -13.26
C LYS A 220 19.04 8.04 -14.59
N CYS A 221 18.28 7.15 -15.24
CA CYS A 221 18.71 6.58 -16.53
C CYS A 221 19.04 7.63 -17.58
N LYS A 222 18.41 8.79 -17.49
CA LYS A 222 18.65 9.88 -18.43
C LYS A 222 19.79 10.79 -17.99
N ASN A 223 20.31 10.56 -16.80
CA ASN A 223 21.39 11.37 -16.23
C ASN A 223 21.05 12.85 -16.20
N VAL A 224 19.78 13.14 -15.90
CA VAL A 224 19.28 14.51 -15.81
C VAL A 224 19.33 15.04 -14.38
N VAL A 225 19.44 14.13 -13.41
CA VAL A 225 19.50 14.51 -12.01
C VAL A 225 20.83 14.08 -11.41
N PRO A 226 21.44 14.95 -10.58
CA PRO A 226 22.72 14.63 -9.95
C PRO A 226 22.53 13.57 -8.86
N VAL A 227 22.20 12.34 -9.23
CA VAL A 227 22.01 11.29 -8.23
C VAL A 227 23.24 11.27 -7.33
N TYR A 228 23.02 11.36 -6.02
CA TYR A 228 24.12 11.35 -5.07
C TYR A 228 24.31 9.92 -4.59
N ASP A 229 25.54 9.62 -4.15
CA ASP A 229 25.88 8.29 -3.68
C ASP A 229 24.82 7.56 -2.86
N LEU A 230 24.38 8.15 -1.75
CA LEU A 230 23.37 7.48 -0.90
C LEU A 230 22.05 7.23 -1.62
N LEU A 231 21.45 8.28 -2.17
CA LEU A 231 20.18 8.17 -2.89
C LEU A 231 20.31 7.17 -4.03
N LEU A 232 21.50 7.10 -4.62
CA LEU A 232 21.78 6.19 -5.73
C LEU A 232 21.64 4.73 -5.37
N GLU A 233 22.31 4.31 -4.30
CA GLU A 233 22.22 2.90 -3.95
C GLU A 233 20.87 2.54 -3.37
N MET A 234 20.18 3.52 -2.79
CA MET A 234 18.85 3.26 -2.24
C MET A 234 17.91 3.07 -3.43
N LEU A 235 18.22 3.74 -4.52
CA LEU A 235 17.41 3.64 -5.74
C LEU A 235 17.64 2.29 -6.41
N ASN A 236 18.90 1.99 -6.70
CA ASN A 236 19.25 0.74 -7.36
C ASN A 236 18.75 -0.48 -6.59
N ALA A 237 18.98 -0.48 -5.28
CA ALA A 237 18.57 -1.59 -4.43
C ALA A 237 17.28 -2.22 -4.94
N LYS B 5 27.45 2.37 1.79
CA LYS B 5 27.01 3.72 2.28
C LYS B 5 25.87 3.54 3.30
N LEU B 6 24.87 2.77 2.90
CA LEU B 6 23.76 2.49 3.78
C LEU B 6 24.29 1.63 4.92
N VAL B 7 25.00 0.57 4.58
CA VAL B 7 25.55 -0.33 5.57
C VAL B 7 26.57 0.33 6.50
N GLN B 8 27.43 1.20 5.99
CA GLN B 8 28.40 1.79 6.89
C GLN B 8 27.76 2.78 7.87
N LEU B 9 26.65 3.38 7.50
CA LEU B 9 25.99 4.30 8.43
C LEU B 9 25.19 3.49 9.45
N LEU B 10 24.77 2.29 9.06
CA LEU B 10 24.03 1.41 9.97
C LEU B 10 24.93 0.85 11.05
N THR B 11 26.22 0.74 10.75
CA THR B 11 27.18 0.19 11.70
C THR B 11 28.07 1.22 12.41
N THR B 12 27.85 2.50 12.15
CA THR B 12 28.64 3.55 12.79
C THR B 12 27.75 4.70 13.30
N THR B 13 28.28 5.48 14.24
CA THR B 13 27.56 6.62 14.82
C THR B 13 28.29 7.97 14.66
N LEU C 3 -29.04 0.86 7.22
CA LEU C 3 -28.39 -0.45 6.91
C LEU C 3 -27.33 -0.81 7.94
N SER C 4 -27.70 -1.61 8.94
CA SER C 4 -26.76 -2.00 9.98
C SER C 4 -25.52 -2.73 9.42
N PRO C 5 -24.42 -2.79 10.21
CA PRO C 5 -23.19 -3.45 9.80
C PRO C 5 -23.46 -4.89 9.36
N GLU C 6 -24.27 -5.60 10.13
CA GLU C 6 -24.60 -6.98 9.82
C GLU C 6 -25.30 -7.15 8.47
N GLN C 7 -26.15 -6.19 8.13
CA GLN C 7 -26.85 -6.25 6.86
C GLN C 7 -25.89 -5.99 5.72
N LEU C 8 -24.88 -5.16 5.99
CA LEU C 8 -23.89 -4.85 4.98
C LEU C 8 -23.05 -6.10 4.71
N VAL C 9 -22.72 -6.81 5.79
CA VAL C 9 -21.94 -8.04 5.69
C VAL C 9 -22.77 -9.09 4.94
N LEU C 10 -24.00 -9.26 5.37
CA LEU C 10 -24.92 -10.21 4.75
C LEU C 10 -25.04 -9.92 3.25
N THR C 11 -25.08 -8.64 2.91
CA THR C 11 -25.20 -8.22 1.51
C THR C 11 -23.90 -8.54 0.75
N LEU C 12 -22.76 -8.28 1.38
CA LEU C 12 -21.49 -8.57 0.71
C LEU C 12 -21.31 -10.08 0.53
N LEU C 13 -21.83 -10.87 1.47
CA LEU C 13 -21.72 -12.33 1.37
C LEU C 13 -22.54 -12.87 0.20
N GLU C 14 -23.69 -12.27 -0.08
CA GLU C 14 -24.52 -12.71 -1.19
C GLU C 14 -23.84 -12.29 -2.51
N ALA C 15 -23.27 -11.08 -2.52
CA ALA C 15 -22.60 -10.52 -3.69
C ALA C 15 -21.33 -11.24 -4.12
N GLU C 16 -20.84 -12.16 -3.30
CA GLU C 16 -19.63 -12.89 -3.65
C GLU C 16 -19.79 -13.48 -5.03
N PRO C 17 -18.84 -13.22 -5.93
CA PRO C 17 -18.99 -13.80 -7.27
C PRO C 17 -18.72 -15.31 -7.27
N PRO C 18 -19.27 -16.03 -8.24
CA PRO C 18 -19.06 -17.47 -8.30
C PRO C 18 -17.62 -17.74 -8.76
N HIS C 19 -17.02 -18.82 -8.28
CA HIS C 19 -15.66 -19.12 -8.70
C HIS C 19 -15.61 -19.43 -10.19
N VAL C 20 -14.67 -18.79 -10.88
CA VAL C 20 -14.49 -19.01 -12.31
C VAL C 20 -13.69 -20.30 -12.45
N LEU C 21 -14.25 -21.25 -13.21
CA LEU C 21 -13.61 -22.53 -13.43
C LEU C 21 -12.75 -22.47 -14.66
N ILE C 22 -11.46 -22.70 -14.50
CA ILE C 22 -10.57 -22.71 -15.62
C ILE C 22 -9.69 -23.95 -15.45
N SER C 23 -9.47 -24.67 -16.54
CA SER C 23 -8.68 -25.89 -16.50
C SER C 23 -7.20 -25.64 -16.68
N ARG C 24 -6.40 -26.39 -15.94
CA ARG C 24 -4.96 -26.29 -16.05
C ARG C 24 -4.58 -26.97 -17.37
N PRO C 25 -3.61 -26.40 -18.11
CA PRO C 25 -3.22 -27.02 -19.37
C PRO C 25 -2.79 -28.49 -19.22
N SER C 26 -3.08 -29.28 -20.24
CA SER C 26 -2.76 -30.71 -20.27
C SER C 26 -1.30 -30.97 -19.93
N ALA C 27 -0.42 -30.37 -20.73
CA ALA C 27 1.01 -30.52 -20.58
C ALA C 27 1.58 -29.66 -19.46
N PRO C 28 2.87 -29.87 -19.13
CA PRO C 28 3.51 -29.08 -18.08
C PRO C 28 3.59 -27.65 -18.63
N PHE C 29 3.25 -26.68 -17.79
CA PHE C 29 3.27 -25.26 -18.15
C PHE C 29 4.51 -24.79 -18.91
N THR C 30 4.27 -23.90 -19.87
CA THR C 30 5.33 -23.27 -20.64
C THR C 30 5.13 -21.81 -20.29
N GLU C 31 6.03 -20.93 -20.73
CA GLU C 31 5.88 -19.52 -20.43
C GLU C 31 4.51 -19.03 -20.90
N ALA C 32 4.20 -19.30 -22.16
CA ALA C 32 2.92 -18.88 -22.73
C ALA C 32 1.71 -19.54 -22.09
N SER C 33 1.68 -20.87 -22.06
CA SER C 33 0.54 -21.57 -21.49
C SER C 33 0.20 -21.07 -20.09
N MET C 34 1.18 -20.53 -19.38
CA MET C 34 0.93 -20.02 -18.05
C MET C 34 0.34 -18.61 -18.10
N MET C 35 0.92 -17.79 -18.98
CA MET C 35 0.46 -16.43 -19.14
C MET C 35 -0.92 -16.40 -19.77
N MET C 36 -1.23 -17.41 -20.58
CA MET C 36 -2.55 -17.41 -21.18
C MET C 36 -3.58 -17.94 -20.19
N SER C 37 -3.14 -18.77 -19.25
CA SER C 37 -4.06 -19.29 -18.25
C SER C 37 -4.41 -18.16 -17.29
N LEU C 38 -3.38 -17.52 -16.75
CA LEU C 38 -3.55 -16.43 -15.81
C LEU C 38 -4.37 -15.29 -16.39
N THR C 39 -4.09 -14.92 -17.64
CA THR C 39 -4.82 -13.82 -18.27
C THR C 39 -6.26 -14.20 -18.59
N LYS C 40 -6.48 -15.43 -19.07
CA LYS C 40 -7.83 -15.89 -19.38
C LYS C 40 -8.68 -15.86 -18.12
N LEU C 41 -8.11 -16.33 -17.02
CA LEU C 41 -8.80 -16.36 -15.73
C LEU C 41 -9.09 -14.96 -15.21
N ALA C 42 -8.10 -14.07 -15.34
CA ALA C 42 -8.24 -12.69 -14.90
C ALA C 42 -9.31 -11.99 -15.72
N ASP C 43 -9.31 -12.20 -17.03
CA ASP C 43 -10.29 -11.56 -17.89
C ASP C 43 -11.71 -11.96 -17.47
N LYS C 44 -11.94 -13.27 -17.28
CA LYS C 44 -13.25 -13.74 -16.87
C LYS C 44 -13.65 -13.23 -15.48
N GLU C 45 -12.69 -13.14 -14.58
CA GLU C 45 -12.98 -12.66 -13.24
C GLU C 45 -13.32 -11.18 -13.19
N LEU C 46 -12.74 -10.41 -14.09
CA LEU C 46 -13.00 -8.97 -14.15
C LEU C 46 -14.47 -8.73 -14.44
N VAL C 47 -15.04 -9.55 -15.32
CA VAL C 47 -16.44 -9.42 -15.65
C VAL C 47 -17.28 -9.61 -14.40
N HIS C 48 -16.94 -10.60 -13.59
CA HIS C 48 -17.70 -10.85 -12.35
C HIS C 48 -17.44 -9.77 -11.32
N MET C 49 -16.22 -9.25 -11.29
CA MET C 49 -15.85 -8.22 -10.34
C MET C 49 -16.73 -6.98 -10.50
N ILE C 50 -16.99 -6.60 -11.74
CA ILE C 50 -17.78 -5.43 -12.05
C ILE C 50 -19.22 -5.57 -11.56
N SER C 51 -19.75 -6.79 -11.62
CA SER C 51 -21.11 -7.05 -11.15
C SER C 51 -21.07 -7.01 -9.64
N TRP C 52 -20.02 -7.60 -9.09
CA TRP C 52 -19.82 -7.65 -7.65
C TRP C 52 -19.84 -6.23 -7.09
N ALA C 53 -19.02 -5.35 -7.68
CA ALA C 53 -18.93 -3.96 -7.23
C ALA C 53 -20.26 -3.21 -7.25
N LYS C 54 -21.09 -3.49 -8.25
CA LYS C 54 -22.40 -2.84 -8.36
C LYS C 54 -23.37 -3.29 -7.27
N LYS C 55 -22.98 -4.32 -6.51
CA LYS C 55 -23.80 -4.83 -5.43
C LYS C 55 -23.29 -4.32 -4.09
N ILE C 56 -22.16 -3.62 -4.11
CA ILE C 56 -21.64 -3.07 -2.86
C ILE C 56 -22.53 -1.87 -2.57
N PRO C 57 -23.24 -1.90 -1.42
CA PRO C 57 -24.14 -0.82 -1.02
C PRO C 57 -23.63 0.59 -1.35
N GLY C 58 -24.37 1.31 -2.18
CA GLY C 58 -23.99 2.67 -2.52
C GLY C 58 -22.94 2.91 -3.59
N PHE C 59 -22.39 1.84 -4.15
CA PHE C 59 -21.38 2.01 -5.20
C PHE C 59 -22.02 2.61 -6.45
N VAL C 60 -23.16 2.04 -6.86
CA VAL C 60 -23.84 2.53 -8.04
C VAL C 60 -24.33 3.97 -7.90
N GLU C 61 -24.29 4.50 -6.67
CA GLU C 61 -24.73 5.87 -6.45
C GLU C 61 -23.61 6.89 -6.72
N LEU C 62 -22.41 6.39 -6.99
CA LEU C 62 -21.26 7.26 -7.28
C LEU C 62 -21.31 7.65 -8.75
N SER C 63 -20.65 8.74 -9.12
CA SER C 63 -20.65 9.14 -10.52
C SER C 63 -19.96 8.03 -11.29
N LEU C 64 -20.32 7.86 -12.56
CA LEU C 64 -19.71 6.81 -13.37
C LEU C 64 -18.20 6.94 -13.37
N PHE C 65 -17.72 8.17 -13.47
CA PHE C 65 -16.29 8.41 -13.50
C PHE C 65 -15.55 7.88 -12.28
N ASP C 66 -16.17 7.98 -11.11
CA ASP C 66 -15.53 7.47 -9.89
C ASP C 66 -15.52 5.94 -9.88
N GLN C 67 -16.62 5.34 -10.33
CA GLN C 67 -16.73 3.90 -10.38
C GLN C 67 -15.60 3.36 -11.25
N VAL C 68 -15.37 4.04 -12.37
CA VAL C 68 -14.32 3.63 -13.29
C VAL C 68 -12.94 3.78 -12.65
N ARG C 69 -12.72 4.89 -11.94
CA ARG C 69 -11.44 5.13 -11.30
C ARG C 69 -11.17 4.14 -10.17
N LEU C 70 -12.18 3.80 -9.40
CA LEU C 70 -11.96 2.86 -8.31
C LEU C 70 -11.57 1.50 -8.90
N LEU C 71 -12.38 0.99 -9.82
CA LEU C 71 -12.10 -0.30 -10.43
C LEU C 71 -10.76 -0.38 -11.18
N GLU C 72 -10.40 0.64 -11.97
CA GLU C 72 -9.12 0.64 -12.71
C GLU C 72 -7.95 0.68 -11.74
N SER C 73 -8.20 1.29 -10.60
CA SER C 73 -7.18 1.44 -9.59
C SER C 73 -6.94 0.22 -8.72
N CYS C 74 -7.99 -0.56 -8.48
CA CYS C 74 -7.90 -1.71 -7.58
C CYS C 74 -8.13 -3.10 -8.15
N TRP C 75 -8.55 -3.21 -9.41
CA TRP C 75 -8.84 -4.53 -9.94
C TRP C 75 -7.82 -5.64 -9.62
N MET C 76 -6.53 -5.36 -9.78
CA MET C 76 -5.54 -6.40 -9.51
C MET C 76 -5.48 -6.75 -8.03
N GLU C 77 -5.64 -5.76 -7.16
CA GLU C 77 -5.61 -6.00 -5.72
C GLU C 77 -6.75 -6.92 -5.33
N VAL C 78 -7.92 -6.62 -5.88
CA VAL C 78 -9.11 -7.43 -5.61
C VAL C 78 -8.86 -8.84 -6.10
N LEU C 79 -8.34 -8.99 -7.31
CA LEU C 79 -8.05 -10.32 -7.81
C LEU C 79 -7.09 -11.05 -6.86
N MET C 80 -6.02 -10.36 -6.44
CA MET C 80 -5.05 -10.98 -5.54
C MET C 80 -5.60 -11.30 -4.16
N MET C 81 -6.50 -10.46 -3.67
CA MET C 81 -7.09 -10.70 -2.36
C MET C 81 -7.98 -11.93 -2.48
N GLY C 82 -8.63 -12.08 -3.64
CA GLY C 82 -9.49 -13.24 -3.85
C GLY C 82 -8.61 -14.49 -3.86
N LEU C 83 -7.53 -14.40 -4.61
CA LEU C 83 -6.58 -15.49 -4.72
C LEU C 83 -6.11 -15.91 -3.31
N MET C 84 -5.51 -14.97 -2.59
CA MET C 84 -5.00 -15.25 -1.25
C MET C 84 -6.03 -15.95 -0.35
N TRP C 85 -7.29 -15.53 -0.45
CA TRP C 85 -8.34 -16.15 0.36
C TRP C 85 -8.62 -17.60 -0.08
N ARG C 86 -8.55 -17.85 -1.39
CA ARG C 86 -8.80 -19.19 -1.89
C ARG C 86 -7.63 -20.11 -1.53
N SER C 87 -6.47 -19.51 -1.27
CA SER C 87 -5.27 -20.28 -0.95
C SER C 87 -4.97 -20.33 0.54
N ILE C 88 -5.85 -19.75 1.35
CA ILE C 88 -5.61 -19.69 2.78
C ILE C 88 -5.44 -21.00 3.56
N ASP C 89 -6.15 -22.05 3.16
CA ASP C 89 -6.03 -23.33 3.85
C ASP C 89 -5.16 -24.31 3.05
N HIS C 90 -4.15 -23.79 2.37
CA HIS C 90 -3.24 -24.61 1.57
C HIS C 90 -1.86 -24.00 1.57
N PRO C 91 -1.18 -24.06 2.72
CA PRO C 91 0.18 -23.49 2.82
C PRO C 91 1.07 -23.94 1.66
N GLY C 92 1.83 -23.01 1.10
CA GLY C 92 2.70 -23.35 -0.01
C GLY C 92 2.03 -23.28 -1.36
N LYS C 93 0.70 -23.29 -1.40
CA LYS C 93 -0.02 -23.24 -2.68
C LYS C 93 -0.81 -21.94 -2.96
N LEU C 94 -1.03 -21.69 -4.25
CA LEU C 94 -1.79 -20.55 -4.74
C LEU C 94 -2.91 -21.12 -5.61
N ILE C 95 -4.12 -21.16 -5.07
CA ILE C 95 -5.27 -21.69 -5.82
C ILE C 95 -5.92 -20.61 -6.69
N PHE C 96 -5.46 -20.49 -7.93
CA PHE C 96 -6.02 -19.50 -8.84
C PHE C 96 -7.42 -19.96 -9.24
N ALA C 97 -7.65 -21.26 -9.14
CA ALA C 97 -8.93 -21.86 -9.50
C ALA C 97 -8.91 -23.33 -9.09
N PRO C 98 -10.10 -23.95 -9.00
CA PRO C 98 -10.22 -25.36 -8.62
C PRO C 98 -9.23 -26.31 -9.31
N ASP C 99 -9.13 -26.23 -10.63
CA ASP C 99 -8.21 -27.10 -11.36
C ASP C 99 -6.89 -26.44 -11.77
N LEU C 100 -6.67 -25.21 -11.35
CA LEU C 100 -5.44 -24.51 -11.67
C LEU C 100 -4.75 -24.15 -10.36
N VAL C 101 -4.17 -25.16 -9.71
CA VAL C 101 -3.50 -24.97 -8.43
C VAL C 101 -1.99 -24.88 -8.61
N LEU C 102 -1.52 -23.67 -8.87
CA LEU C 102 -0.09 -23.44 -9.08
C LEU C 102 0.82 -23.63 -7.88
N ASP C 103 1.96 -24.25 -8.15
CA ASP C 103 2.97 -24.48 -7.15
C ASP C 103 3.88 -23.27 -7.24
N ARG C 104 4.67 -23.02 -6.21
CA ARG C 104 5.56 -21.87 -6.22
C ARG C 104 6.65 -22.07 -7.27
N ASP C 105 7.07 -23.31 -7.43
CA ASP C 105 8.12 -23.65 -8.39
C ASP C 105 7.69 -23.50 -9.85
N GLU C 106 6.41 -23.72 -10.14
CA GLU C 106 5.91 -23.61 -11.50
C GLU C 106 6.08 -22.18 -11.99
N GLY C 107 6.33 -21.27 -11.06
CA GLY C 107 6.49 -19.87 -11.43
C GLY C 107 7.84 -19.56 -12.05
N LYS C 108 8.58 -20.58 -12.45
CA LYS C 108 9.89 -20.39 -13.06
C LYS C 108 9.80 -20.29 -14.58
N CYS C 109 8.83 -20.97 -15.18
CA CYS C 109 8.66 -20.94 -16.62
C CYS C 109 8.25 -19.57 -17.14
N VAL C 110 8.36 -18.57 -16.26
CA VAL C 110 8.04 -17.20 -16.63
C VAL C 110 8.97 -16.23 -15.88
N GLU C 111 9.72 -15.47 -16.66
CA GLU C 111 10.68 -14.51 -16.15
C GLU C 111 10.07 -13.46 -15.19
N GLY C 112 10.54 -13.44 -13.96
CA GLY C 112 10.07 -12.46 -12.98
C GLY C 112 8.73 -12.65 -12.31
N ILE C 113 8.10 -13.79 -12.47
CA ILE C 113 6.81 -13.99 -11.85
C ILE C 113 6.94 -14.65 -10.47
N LEU C 114 8.08 -15.30 -10.24
CA LEU C 114 8.33 -15.96 -8.96
C LEU C 114 8.31 -14.94 -7.82
N GLU C 115 8.85 -13.76 -8.10
CA GLU C 115 8.89 -12.71 -7.12
C GLU C 115 7.47 -12.33 -6.73
N ILE C 116 6.61 -12.16 -7.73
CA ILE C 116 5.21 -11.81 -7.49
C ILE C 116 4.52 -12.94 -6.73
N PHE C 117 4.82 -14.18 -7.10
CA PHE C 117 4.25 -15.34 -6.43
C PHE C 117 4.67 -15.38 -4.95
N ASP C 118 5.92 -15.02 -4.69
CA ASP C 118 6.43 -15.01 -3.32
C ASP C 118 5.70 -14.02 -2.42
N MET C 119 5.45 -12.82 -2.94
CA MET C 119 4.75 -11.82 -2.16
C MET C 119 3.38 -12.39 -1.80
N LEU C 120 2.67 -12.87 -2.83
CA LEU C 120 1.35 -13.45 -2.64
C LEU C 120 1.36 -14.53 -1.55
N LEU C 121 2.33 -15.45 -1.64
CA LEU C 121 2.45 -16.52 -0.66
C LEU C 121 2.82 -15.98 0.71
N ALA C 122 3.66 -14.94 0.72
CA ALA C 122 4.09 -14.33 1.97
C ALA C 122 2.88 -13.71 2.65
N THR C 123 2.19 -12.80 1.94
CA THR C 123 1.01 -12.14 2.48
C THR C 123 -0.07 -13.15 2.85
N THR C 124 -0.21 -14.22 2.08
CA THR C 124 -1.22 -15.23 2.37
C THR C 124 -0.94 -15.90 3.71
N SER C 125 0.33 -16.19 3.95
CA SER C 125 0.75 -16.83 5.20
C SER C 125 0.47 -15.92 6.35
N ARG C 126 0.60 -14.61 6.12
CA ARG C 126 0.33 -13.68 7.18
C ARG C 126 -1.15 -13.74 7.53
N PHE C 127 -2.00 -13.81 6.50
CA PHE C 127 -3.44 -13.89 6.72
C PHE C 127 -3.81 -15.20 7.39
N ARG C 128 -3.12 -16.27 6.99
CA ARG C 128 -3.35 -17.59 7.56
C ARG C 128 -3.02 -17.54 9.05
N GLU C 129 -1.90 -16.92 9.36
CA GLU C 129 -1.43 -16.78 10.73
C GLU C 129 -2.42 -16.00 11.58
N LEU C 130 -3.02 -14.97 10.99
CA LEU C 130 -4.00 -14.16 11.69
C LEU C 130 -5.33 -14.91 11.75
N LYS C 131 -5.43 -16.00 10.99
CA LYS C 131 -6.64 -16.78 10.95
C LYS C 131 -7.78 -15.89 10.47
N LEU C 132 -7.60 -15.30 9.29
CA LEU C 132 -8.62 -14.42 8.70
C LEU C 132 -9.94 -15.19 8.57
N GLN C 133 -11.04 -14.55 8.94
CA GLN C 133 -12.35 -15.17 8.87
C GLN C 133 -13.12 -14.70 7.65
N HIS C 134 -13.94 -15.59 7.11
CA HIS C 134 -14.74 -15.30 5.92
C HIS C 134 -15.36 -13.92 5.99
N LYS C 135 -16.03 -13.59 7.10
CA LYS C 135 -16.68 -12.29 7.25
C LYS C 135 -15.71 -11.12 7.23
N GLU C 136 -14.50 -11.32 7.76
CA GLU C 136 -13.51 -10.24 7.78
C GLU C 136 -13.05 -10.03 6.35
N TYR C 137 -12.83 -11.14 5.66
CA TYR C 137 -12.40 -11.16 4.27
C TYR C 137 -13.36 -10.36 3.39
N LEU C 138 -14.67 -10.61 3.52
CA LEU C 138 -15.67 -9.89 2.72
C LEU C 138 -15.51 -8.38 2.86
N CYS C 139 -15.36 -7.92 4.11
CA CYS C 139 -15.21 -6.50 4.39
C CYS C 139 -13.89 -5.94 3.85
N VAL C 140 -12.82 -6.68 4.09
CA VAL C 140 -11.50 -6.24 3.63
C VAL C 140 -11.45 -6.03 2.10
N LYS C 141 -11.94 -7.02 1.36
CA LYS C 141 -11.92 -6.94 -0.10
C LYS C 141 -12.70 -5.73 -0.62
N ALA C 142 -13.80 -5.40 0.04
CA ALA C 142 -14.63 -4.28 -0.34
C ALA C 142 -13.93 -2.99 0.04
N MET C 143 -13.17 -3.00 1.14
CA MET C 143 -12.44 -1.81 1.56
C MET C 143 -11.34 -1.51 0.54
N ILE C 144 -10.72 -2.56 0.00
CA ILE C 144 -9.66 -2.39 -0.99
C ILE C 144 -10.22 -1.56 -2.14
N LEU C 145 -11.37 -1.98 -2.66
CA LEU C 145 -12.03 -1.27 -3.76
C LEU C 145 -12.46 0.17 -3.43
N LEU C 146 -13.00 0.36 -2.22
CA LEU C 146 -13.47 1.68 -1.81
C LEU C 146 -12.35 2.62 -1.35
N ASN C 147 -11.16 2.06 -1.10
CA ASN C 147 -10.01 2.82 -0.63
C ASN C 147 -8.97 3.11 -1.69
N SER C 148 -9.07 2.46 -2.85
CA SER C 148 -8.15 2.84 -3.91
C SER C 148 -8.25 4.33 -4.25
N SER C 149 -9.34 4.91 -3.69
CA SER C 149 -9.50 6.34 -3.90
C SER C 149 -8.44 7.22 -4.54
N SER C 162 -20.12 13.55 -4.59
CA SER C 162 -19.76 12.16 -4.87
C SER C 162 -18.56 11.72 -4.04
N SER C 163 -17.59 12.61 -3.88
CA SER C 163 -16.39 12.30 -3.09
C SER C 163 -16.73 12.07 -1.62
N ARG C 164 -17.72 12.81 -1.13
CA ARG C 164 -18.16 12.68 0.26
C ARG C 164 -18.99 11.41 0.45
N LYS C 165 -19.58 10.94 -0.65
CA LYS C 165 -20.41 9.73 -0.63
C LYS C 165 -19.55 8.47 -0.62
N LEU C 166 -18.30 8.61 -1.03
CA LEU C 166 -17.35 7.50 -1.06
C LEU C 166 -16.80 7.33 0.35
N ALA C 167 -16.63 8.45 1.04
CA ALA C 167 -16.10 8.45 2.40
C ALA C 167 -17.08 7.80 3.37
N HIS C 168 -18.37 8.05 3.20
CA HIS C 168 -19.35 7.44 4.09
C HIS C 168 -19.52 5.96 3.75
N LEU C 169 -19.16 5.60 2.52
CA LEU C 169 -19.26 4.22 2.05
C LEU C 169 -18.11 3.41 2.64
N LEU C 170 -16.95 4.05 2.76
CA LEU C 170 -15.78 3.42 3.30
C LEU C 170 -15.92 3.24 4.81
N ASN C 171 -16.55 4.22 5.46
CA ASN C 171 -16.76 4.13 6.90
C ASN C 171 -17.80 3.06 7.21
N ALA C 172 -18.78 2.93 6.33
CA ALA C 172 -19.84 1.93 6.49
C ALA C 172 -19.21 0.54 6.52
N VAL C 173 -18.32 0.27 5.58
CA VAL C 173 -17.65 -1.02 5.51
C VAL C 173 -16.64 -1.16 6.64
N THR C 174 -15.98 -0.06 7.01
CA THR C 174 -15.04 -0.13 8.11
C THR C 174 -15.83 -0.53 9.36
N ASP C 175 -16.98 0.13 9.56
CA ASP C 175 -17.84 -0.17 10.70
C ASP C 175 -18.22 -1.65 10.71
N ALA C 176 -18.49 -2.22 9.54
CA ALA C 176 -18.85 -3.62 9.45
C ALA C 176 -17.67 -4.50 9.89
N LEU C 177 -16.49 -4.24 9.35
CA LEU C 177 -15.32 -5.02 9.73
C LEU C 177 -15.13 -4.95 11.24
N VAL C 178 -15.35 -3.77 11.81
CA VAL C 178 -15.23 -3.56 13.25
C VAL C 178 -16.28 -4.37 14.01
N TRP C 179 -17.49 -4.43 13.46
CA TRP C 179 -18.56 -5.20 14.08
C TRP C 179 -18.27 -6.71 13.99
N VAL C 180 -17.74 -7.16 12.86
CA VAL C 180 -17.42 -8.58 12.70
C VAL C 180 -16.36 -9.03 13.70
N ILE C 181 -15.26 -8.27 13.81
CA ILE C 181 -14.17 -8.60 14.73
C ILE C 181 -14.67 -8.57 16.17
N ALA C 182 -15.55 -7.61 16.48
CA ALA C 182 -16.10 -7.49 17.84
C ALA C 182 -16.94 -8.70 18.19
N LYS C 183 -17.56 -9.32 17.19
CA LYS C 183 -18.40 -10.48 17.43
C LYS C 183 -17.57 -11.75 17.65
N SER C 184 -16.25 -11.60 17.76
CA SER C 184 -15.39 -12.76 17.99
C SER C 184 -15.17 -12.94 19.48
N GLY C 185 -15.44 -11.88 20.25
CA GLY C 185 -15.28 -11.94 21.69
C GLY C 185 -13.93 -11.61 22.28
N ILE C 186 -12.91 -11.37 21.46
CA ILE C 186 -11.60 -11.03 22.02
C ILE C 186 -11.73 -9.69 22.74
N SER C 187 -10.87 -9.45 23.72
CA SER C 187 -10.94 -8.20 24.48
C SER C 187 -10.97 -6.99 23.58
N SER C 188 -11.46 -5.88 24.09
CA SER C 188 -11.54 -4.65 23.32
C SER C 188 -10.16 -4.22 22.83
N GLN C 189 -9.13 -4.43 23.65
CA GLN C 189 -7.78 -4.05 23.28
C GLN C 189 -7.33 -4.88 22.10
N GLN C 190 -7.62 -6.18 22.15
CA GLN C 190 -7.23 -7.11 21.09
C GLN C 190 -8.08 -6.95 19.84
N GLN C 191 -9.21 -6.28 19.96
CA GLN C 191 -10.05 -6.05 18.81
C GLN C 191 -9.34 -4.99 17.98
N SER C 192 -8.77 -4.00 18.68
CA SER C 192 -8.06 -2.91 18.02
C SER C 192 -6.80 -3.44 17.38
N MET C 193 -6.10 -4.31 18.10
CA MET C 193 -4.86 -4.87 17.58
C MET C 193 -5.10 -5.72 16.34
N ARG C 194 -6.19 -6.48 16.33
CA ARG C 194 -6.50 -7.31 15.17
C ARG C 194 -6.92 -6.46 13.98
N LEU C 195 -7.64 -5.38 14.26
CA LEU C 195 -8.08 -4.47 13.22
C LEU C 195 -6.85 -3.88 12.56
N ALA C 196 -5.87 -3.52 13.39
CA ALA C 196 -4.63 -2.94 12.91
C ALA C 196 -3.85 -3.95 12.10
N ASN C 197 -3.69 -5.15 12.66
CA ASN C 197 -2.92 -6.19 11.98
C ASN C 197 -3.48 -6.60 10.63
N LEU C 198 -4.81 -6.59 10.52
CA LEU C 198 -5.45 -6.96 9.28
C LEU C 198 -5.24 -5.87 8.25
N LEU C 199 -5.50 -4.62 8.62
CA LEU C 199 -5.36 -3.50 7.69
C LEU C 199 -3.94 -3.16 7.25
N MET C 200 -2.95 -3.46 8.08
CA MET C 200 -1.58 -3.18 7.69
C MET C 200 -1.24 -3.95 6.43
N LEU C 201 -1.85 -5.12 6.28
CA LEU C 201 -1.60 -5.95 5.11
C LEU C 201 -2.11 -5.37 3.79
N LEU C 202 -2.98 -4.37 3.86
CA LEU C 202 -3.48 -3.75 2.63
C LEU C 202 -2.34 -3.21 1.78
N SER C 203 -1.32 -2.63 2.42
CA SER C 203 -0.15 -2.07 1.73
C SER C 203 0.54 -3.15 0.91
N HIS C 204 0.74 -4.31 1.53
CA HIS C 204 1.40 -5.41 0.88
C HIS C 204 0.65 -5.79 -0.39
N VAL C 205 -0.67 -5.87 -0.27
CA VAL C 205 -1.52 -6.19 -1.40
C VAL C 205 -1.36 -5.14 -2.51
N ARG C 206 -1.31 -3.87 -2.13
CA ARG C 206 -1.15 -2.78 -3.09
C ARG C 206 0.20 -2.85 -3.77
N HIS C 207 1.22 -3.26 -3.03
CA HIS C 207 2.57 -3.37 -3.58
C HIS C 207 2.62 -4.50 -4.60
N ALA C 208 2.08 -5.66 -4.22
CA ALA C 208 2.05 -6.81 -5.10
C ALA C 208 1.29 -6.40 -6.37
N SER C 209 0.17 -5.69 -6.20
CA SER C 209 -0.62 -5.27 -7.34
C SER C 209 0.28 -4.46 -8.28
N ASN C 210 1.06 -3.54 -7.72
CA ASN C 210 1.95 -2.71 -8.50
C ASN C 210 2.98 -3.53 -9.29
N LYS C 211 3.66 -4.46 -8.61
CA LYS C 211 4.64 -5.30 -9.27
C LYS C 211 3.97 -6.18 -10.30
N GLY C 212 2.79 -6.70 -9.94
CA GLY C 212 2.05 -7.55 -10.84
C GLY C 212 1.57 -6.87 -12.10
N MET C 213 1.09 -5.64 -11.98
CA MET C 213 0.62 -4.94 -13.18
C MET C 213 1.77 -4.49 -14.06
N GLU C 214 2.87 -4.07 -13.45
CA GLU C 214 4.02 -3.65 -14.21
C GLU C 214 4.51 -4.87 -14.99
N HIS C 215 4.58 -6.02 -14.32
CA HIS C 215 5.01 -7.26 -14.96
C HIS C 215 4.10 -7.61 -16.14
N LEU C 216 2.80 -7.61 -15.88
CA LEU C 216 1.80 -7.92 -16.90
C LEU C 216 1.94 -7.01 -18.14
N LEU C 217 2.05 -5.71 -17.93
CA LEU C 217 2.20 -4.77 -19.03
C LEU C 217 3.44 -5.14 -19.83
N ASN C 218 4.46 -5.58 -19.09
CA ASN C 218 5.72 -5.97 -19.71
C ASN C 218 5.53 -7.17 -20.64
N MET C 219 4.78 -8.16 -20.08
CA MET C 219 4.53 -9.39 -20.81
C MET C 219 3.70 -9.10 -22.06
N LYS C 220 2.93 -8.02 -22.03
CA LYS C 220 2.13 -7.65 -23.18
C LYS C 220 3.03 -7.07 -24.27
N CYS C 221 3.99 -6.25 -23.86
CA CYS C 221 4.92 -5.62 -24.80
C CYS C 221 5.82 -6.68 -25.45
N LYS C 222 6.08 -7.76 -24.72
CA LYS C 222 6.91 -8.86 -25.19
C LYS C 222 6.19 -9.72 -26.23
N ASN C 223 4.86 -9.69 -26.20
CA ASN C 223 4.01 -10.48 -27.11
C ASN C 223 3.81 -11.89 -26.54
N VAL C 224 4.43 -12.13 -25.39
CA VAL C 224 4.37 -13.41 -24.70
C VAL C 224 2.96 -13.96 -24.48
N VAL C 225 1.95 -13.12 -24.69
CA VAL C 225 0.57 -13.55 -24.52
C VAL C 225 -0.42 -12.44 -24.89
N PRO C 226 -1.44 -12.77 -25.69
CA PRO C 226 -2.44 -11.78 -26.12
C PRO C 226 -3.27 -11.24 -24.96
N VAL C 227 -3.24 -9.91 -24.78
CA VAL C 227 -3.99 -9.26 -23.71
C VAL C 227 -5.38 -8.84 -24.18
N TYR C 228 -6.39 -9.61 -23.77
CA TYR C 228 -7.78 -9.36 -24.13
C TYR C 228 -8.25 -7.92 -23.98
N ASP C 229 -9.37 -7.61 -24.62
CA ASP C 229 -9.95 -6.28 -24.61
C ASP C 229 -10.21 -5.69 -23.23
N LEU C 230 -11.00 -6.36 -22.40
CA LEU C 230 -11.28 -5.85 -21.06
C LEU C 230 -10.00 -5.83 -20.23
N LEU C 231 -9.25 -6.92 -20.27
CA LEU C 231 -8.00 -7.02 -19.52
C LEU C 231 -7.04 -5.89 -19.92
N LEU C 232 -7.04 -5.51 -21.19
CA LEU C 232 -6.16 -4.43 -21.66
C LEU C 232 -6.61 -3.07 -21.16
N GLU C 233 -7.92 -2.81 -21.21
CA GLU C 233 -8.46 -1.53 -20.74
C GLU C 233 -8.02 -1.30 -19.30
N MET C 234 -8.26 -2.30 -18.46
CA MET C 234 -7.90 -2.24 -17.05
C MET C 234 -6.40 -2.04 -16.87
N LEU C 235 -5.61 -2.78 -17.63
CA LEU C 235 -4.17 -2.69 -17.54
C LEU C 235 -3.70 -1.26 -17.80
N ASN C 236 -4.32 -0.60 -18.76
CA ASN C 236 -3.95 0.77 -19.12
C ASN C 236 -4.58 1.86 -18.25
N ALA C 237 -5.84 1.67 -17.86
CA ALA C 237 -6.56 2.63 -17.02
C ALA C 237 -6.63 4.03 -17.63
N LYS D 5 -15.62 -0.76 -23.03
CA LYS D 5 -15.94 -2.13 -22.53
C LYS D 5 -16.13 -2.17 -21.00
N LEU D 6 -15.30 -1.44 -20.26
CA LEU D 6 -15.43 -1.38 -18.81
C LEU D 6 -16.70 -0.57 -18.52
N VAL D 7 -16.84 0.55 -19.23
CA VAL D 7 -18.00 1.42 -19.08
C VAL D 7 -19.27 0.69 -19.53
N GLN D 8 -19.13 -0.19 -20.51
CA GLN D 8 -20.27 -0.95 -21.00
C GLN D 8 -20.80 -1.87 -19.91
N LEU D 9 -19.92 -2.68 -19.33
CA LEU D 9 -20.33 -3.60 -18.27
C LEU D 9 -20.95 -2.89 -17.08
N LEU D 10 -20.39 -1.74 -16.70
CA LEU D 10 -20.91 -1.02 -15.56
C LEU D 10 -22.29 -0.43 -15.80
N THR D 11 -22.53 0.08 -17.00
CA THR D 11 -23.82 0.70 -17.33
C THR D 11 -24.78 -0.12 -18.21
N THR D 12 -24.23 -0.84 -19.17
CA THR D 12 -25.04 -1.65 -20.10
C THR D 12 -25.62 -2.91 -19.46
N THR D 13 -24.92 -3.49 -18.49
CA THR D 13 -25.41 -4.70 -17.83
C THR D 13 -25.52 -4.49 -16.32
#